data_1OGQ
#
_entry.id   1OGQ
#
_cell.length_a   134.840
_cell.length_b   65.450
_cell.length_c   34.640
_cell.angle_alpha   90.00
_cell.angle_beta   90.00
_cell.angle_gamma   90.00
#
_symmetry.space_group_name_H-M   'P 21 21 2'
#
loop_
_entity.id
_entity.type
_entity.pdbx_description
1 polymer 'POLYGALACTURONASE INHIBITING PROTEIN'
2 non-polymer 2-acetamido-2-deoxy-beta-D-glucopyranose
3 non-polymer 'ACETATE ION'
4 water water
#
_entity_poly.entity_id   1
_entity_poly.type   'polypeptide(L)'
_entity_poly.pdbx_seq_one_letter_code
;ELCNPQDKQALLQIKKDLGNPTTLSSWLPTTDCCNRTWLGVLCDTDTQTYRVNNLDLSGLNLPKPYPIPSSLANLPYLNF
LYIGGINNLVGPIPPAIAKLTQLHYLYITHTNVSGAIPDFLSQIKTLVTLDFSYNALSGTLPPSISSLPNLVGITFDGNR
ISGAIPDSYGSFSKLFTSMTISRNRLTGKIPPTFANLNLAFVDLSRNMLEGDASVLFGSDKNTQKIHLAKNSLAFDLGKV
GLSKNLNGLDLRNNRIYGTLPQGLTQLKFLHSLNVSFNNLCGEIPQGGNLQRFDVSAYANNKCLCGSPLPACT
;
_entity_poly.pdbx_strand_id   A
#
loop_
_chem_comp.id
_chem_comp.type
_chem_comp.name
_chem_comp.formula
ACT non-polymer 'ACETATE ION' 'C2 H3 O2 -1'
NAG D-saccharide, beta linking 2-acetamido-2-deoxy-beta-D-glucopyranose 'C8 H15 N O6'
#
# COMPACT_ATOMS: atom_id res chain seq x y z
N GLU A 1 21.92 -29.36 -17.26
CA GLU A 1 21.58 -28.27 -16.30
C GLU A 1 20.07 -28.02 -16.31
N LEU A 2 19.51 -27.82 -15.11
CA LEU A 2 18.06 -27.63 -14.99
C LEU A 2 17.59 -26.26 -15.46
N CYS A 3 18.39 -25.21 -15.25
CA CYS A 3 18.06 -23.86 -15.67
C CYS A 3 17.65 -23.79 -17.12
N ASN A 4 16.49 -23.18 -17.38
CA ASN A 4 16.03 -23.03 -18.75
C ASN A 4 16.93 -22.08 -19.50
N PRO A 5 17.40 -22.42 -20.71
CA PRO A 5 18.27 -21.58 -21.49
C PRO A 5 17.78 -20.18 -21.73
N GLN A 6 16.46 -19.94 -21.91
CA GLN A 6 15.97 -18.59 -22.11
C GLN A 6 15.90 -17.80 -20.80
N ASP A 7 15.58 -18.47 -19.71
CA ASP A 7 15.60 -17.74 -18.42
C ASP A 7 17.04 -17.30 -18.09
N LYS A 8 17.97 -18.22 -18.32
CA LYS A 8 19.40 -18.01 -18.10
C LYS A 8 19.90 -16.80 -18.84
N GLN A 9 19.58 -16.68 -20.14
CA GLN A 9 20.06 -15.52 -20.89
C GLN A 9 19.39 -14.24 -20.45
N ALA A 10 18.11 -14.28 -20.05
CA ALA A 10 17.44 -13.06 -19.60
C ALA A 10 18.05 -12.55 -18.29
N LEU A 11 18.30 -13.50 -17.39
CA LEU A 11 18.91 -13.12 -16.10
C LEU A 11 20.29 -12.52 -16.34
N LEU A 12 21.12 -13.20 -17.16
CA LEU A 12 22.45 -12.61 -17.43
C LEU A 12 22.35 -11.27 -18.15
N GLN A 13 21.30 -11.05 -18.95
CA GLN A 13 21.07 -9.76 -19.57
C GLN A 13 20.66 -8.69 -18.60
N ILE A 14 19.79 -9.07 -17.65
CA ILE A 14 19.35 -8.14 -16.60
C ILE A 14 20.58 -7.64 -15.85
N LYS A 15 21.44 -8.59 -15.47
CA LYS A 15 22.68 -8.31 -14.78
C LYS A 15 23.53 -7.32 -15.57
N LYS A 16 23.75 -7.58 -16.86
CA LYS A 16 24.53 -6.71 -17.73
C LYS A 16 23.88 -5.35 -17.87
N ASP A 17 22.54 -5.34 -17.99
CA ASP A 17 21.78 -4.10 -18.10
C ASP A 17 21.82 -3.25 -16.84
N LEU A 18 22.30 -3.81 -15.72
CA LEU A 18 22.40 -3.08 -14.46
C LEU A 18 23.88 -2.78 -14.14
N GLY A 19 24.69 -3.00 -15.16
CA GLY A 19 26.12 -2.69 -15.11
C GLY A 19 26.93 -3.80 -14.50
N ASN A 20 26.46 -5.05 -14.55
CA ASN A 20 27.15 -6.16 -13.89
C ASN A 20 27.61 -5.84 -12.49
N PRO A 21 26.72 -5.45 -11.60
CA PRO A 21 27.07 -5.07 -10.24
C PRO A 21 27.69 -6.24 -9.49
N THR A 22 28.62 -5.96 -8.54
CA THR A 22 29.22 -7.01 -7.75
C THR A 22 28.19 -7.78 -6.93
N THR A 23 27.11 -7.13 -6.55
CA THR A 23 26.01 -7.80 -5.80
C THR A 23 25.33 -8.93 -6.59
N LEU A 24 25.57 -8.97 -7.91
CA LEU A 24 25.01 -10.07 -8.71
C LEU A 24 26.12 -10.97 -9.26
N SER A 25 27.27 -10.98 -8.57
CA SER A 25 28.38 -11.83 -9.04
C SER A 25 28.14 -13.31 -8.79
N SER A 26 27.14 -13.77 -8.04
CA SER A 26 26.81 -15.17 -7.95
C SER A 26 26.10 -15.67 -9.22
N TRP A 27 25.66 -14.75 -10.09
CA TRP A 27 24.93 -15.20 -11.30
C TRP A 27 26.01 -15.57 -12.34
N LEU A 28 26.45 -16.81 -12.26
CA LEU A 28 27.55 -17.36 -13.04
C LEU A 28 27.07 -18.29 -14.13
N PRO A 29 27.52 -18.11 -15.37
CA PRO A 29 27.20 -19.05 -16.46
C PRO A 29 27.57 -20.49 -16.19
N THR A 30 28.60 -20.72 -15.33
CA THR A 30 29.05 -22.02 -14.94
C THR A 30 28.27 -22.72 -13.88
N THR A 31 27.21 -22.10 -13.31
CA THR A 31 26.46 -22.75 -12.26
C THR A 31 24.96 -22.76 -12.66
N ASP A 32 24.21 -23.68 -12.10
CA ASP A 32 22.79 -23.80 -12.51
C ASP A 32 21.95 -22.75 -11.80
N CYS A 33 21.28 -21.88 -12.55
CA CYS A 33 20.40 -20.86 -12.01
C CYS A 33 19.28 -21.41 -11.15
N CYS A 34 18.90 -22.66 -11.27
CA CYS A 34 17.86 -23.27 -10.49
C CYS A 34 18.36 -23.93 -9.21
N ASN A 35 19.68 -23.99 -8.97
CA ASN A 35 20.08 -24.68 -7.77
C ASN A 35 20.41 -23.86 -6.56
N ARG A 36 19.80 -22.67 -6.44
CA ARG A 36 19.82 -21.87 -5.23
C ARG A 36 21.16 -21.19 -4.93
N THR A 37 22.05 -21.08 -5.87
CA THR A 37 23.29 -20.33 -5.64
C THR A 37 23.21 -18.95 -6.31
N TRP A 38 22.26 -18.77 -7.24
CA TRP A 38 22.16 -17.43 -7.85
C TRP A 38 21.36 -16.55 -6.88
N LEU A 39 21.97 -15.51 -6.32
CA LEU A 39 21.25 -14.72 -5.33
C LEU A 39 19.86 -14.23 -5.80
N GLY A 40 18.85 -14.53 -4.97
CA GLY A 40 17.51 -13.97 -5.32
C GLY A 40 16.79 -14.68 -6.44
N VAL A 41 17.28 -15.82 -6.95
CA VAL A 41 16.63 -16.52 -8.06
C VAL A 41 16.14 -17.91 -7.64
N LEU A 42 14.88 -18.22 -7.97
CA LEU A 42 14.35 -19.58 -7.70
C LEU A 42 13.49 -20.04 -8.91
N CYS A 43 13.51 -21.36 -9.10
CA CYS A 43 12.73 -21.97 -10.16
C CYS A 43 11.52 -22.70 -9.62
N ASP A 44 10.50 -22.84 -10.50
CA ASP A 44 9.24 -23.39 -10.07
C ASP A 44 9.32 -24.92 -9.99
N THR A 45 9.60 -25.36 -8.78
CA THR A 45 9.63 -26.79 -8.47
C THR A 45 8.22 -27.29 -8.23
N ASP A 46 7.35 -26.51 -7.64
CA ASP A 46 5.97 -26.85 -7.34
C ASP A 46 5.17 -27.26 -8.59
N THR A 47 5.15 -26.44 -9.65
CA THR A 47 4.32 -26.79 -10.83
C THR A 47 5.08 -27.64 -11.83
N GLN A 48 6.38 -27.81 -11.58
CA GLN A 48 7.33 -28.53 -12.40
C GLN A 48 7.51 -27.98 -13.80
N THR A 49 7.39 -26.64 -13.94
CA THR A 49 7.83 -26.03 -15.19
C THR A 49 9.36 -25.97 -15.09
N TYR A 50 9.85 -25.81 -13.84
CA TYR A 50 11.25 -25.54 -13.56
C TYR A 50 11.71 -24.24 -14.21
N ARG A 51 10.79 -23.30 -14.45
CA ARG A 51 11.16 -22.00 -15.02
C ARG A 51 11.34 -21.03 -13.81
N VAL A 52 12.11 -19.98 -14.06
CA VAL A 52 12.32 -18.95 -13.03
C VAL A 52 11.01 -18.27 -12.73
N ASN A 53 10.52 -18.41 -11.50
CA ASN A 53 9.23 -17.82 -11.18
C ASN A 53 9.32 -16.94 -9.95
N ASN A 54 10.53 -16.77 -9.41
CA ASN A 54 10.66 -15.89 -8.21
C ASN A 54 11.98 -15.15 -8.30
N LEU A 55 11.94 -13.81 -8.45
CA LEU A 55 13.17 -13.04 -8.57
C LEU A 55 13.09 -11.93 -7.52
N ASP A 56 14.17 -11.81 -6.73
CA ASP A 56 14.25 -10.76 -5.71
C ASP A 56 15.54 -9.99 -5.98
N LEU A 57 15.46 -8.71 -6.27
CA LEU A 57 16.60 -7.84 -6.52
C LEU A 57 16.58 -6.84 -5.38
N SER A 58 17.53 -6.88 -4.45
CA SER A 58 17.39 -5.95 -3.31
C SER A 58 18.70 -5.34 -2.89
N GLY A 59 18.75 -4.04 -2.64
CA GLY A 59 20.01 -3.47 -2.10
C GLY A 59 21.20 -3.69 -2.98
N LEU A 60 21.08 -3.58 -4.30
CA LEU A 60 22.20 -3.90 -5.20
C LEU A 60 23.38 -2.94 -5.29
N ASN A 61 23.23 -1.73 -4.79
CA ASN A 61 24.30 -0.73 -4.79
C ASN A 61 24.90 -0.51 -6.17
N LEU A 62 24.05 -0.09 -7.15
CA LEU A 62 24.51 0.06 -8.53
C LEU A 62 25.52 1.19 -8.64
N PRO A 63 26.53 1.06 -9.47
CA PRO A 63 27.59 2.06 -9.59
C PRO A 63 27.19 3.41 -10.20
N LYS A 64 26.03 3.52 -10.79
CA LYS A 64 25.48 4.74 -11.36
C LYS A 64 24.01 4.42 -11.66
N PRO A 65 23.24 5.43 -12.00
CA PRO A 65 21.78 5.21 -12.25
C PRO A 65 21.57 4.28 -13.42
N TYR A 66 20.59 3.39 -13.38
CA TYR A 66 20.15 2.55 -14.47
C TYR A 66 18.62 2.40 -14.39
N PRO A 67 17.94 2.25 -15.51
CA PRO A 67 16.52 2.01 -15.42
C PRO A 67 16.22 0.55 -15.16
N ILE A 68 14.93 0.23 -14.95
CA ILE A 68 14.50 -1.17 -14.85
C ILE A 68 14.72 -1.77 -16.25
N PRO A 69 15.57 -2.80 -16.32
CA PRO A 69 15.94 -3.41 -17.59
C PRO A 69 14.75 -3.97 -18.35
N SER A 70 14.62 -3.73 -19.66
CA SER A 70 13.49 -4.34 -20.36
C SER A 70 13.66 -5.85 -20.54
N SER A 71 14.82 -6.44 -20.24
CA SER A 71 15.04 -7.87 -20.25
C SER A 71 14.30 -8.62 -19.14
N LEU A 72 13.68 -7.91 -18.20
CA LEU A 72 12.80 -8.53 -17.19
C LEU A 72 11.58 -9.15 -17.86
N ALA A 73 11.23 -8.64 -19.04
CA ALA A 73 10.05 -9.19 -19.74
C ALA A 73 10.35 -10.57 -20.30
N ASN A 74 11.61 -10.97 -20.30
CA ASN A 74 12.01 -12.25 -20.83
C ASN A 74 12.13 -13.31 -19.73
N LEU A 75 11.38 -13.12 -18.61
CA LEU A 75 11.26 -14.16 -17.58
C LEU A 75 9.75 -14.35 -17.43
N PRO A 76 9.11 -14.95 -18.43
CA PRO A 76 7.67 -14.98 -18.51
C PRO A 76 6.90 -15.78 -17.49
N TYR A 77 7.59 -16.58 -16.71
CA TYR A 77 6.97 -17.42 -15.71
C TYR A 77 7.06 -16.74 -14.32
N LEU A 78 7.56 -15.54 -14.22
CA LEU A 78 7.56 -14.88 -12.89
C LEU A 78 6.17 -14.83 -12.26
N ASN A 79 6.10 -15.32 -11.02
CA ASN A 79 4.92 -15.17 -10.16
C ASN A 79 5.16 -14.09 -9.07
N PHE A 80 6.45 -14.06 -8.63
CA PHE A 80 6.90 -13.15 -7.56
C PHE A 80 8.08 -12.32 -8.06
N LEU A 81 7.92 -10.99 -8.05
CA LEU A 81 9.03 -10.12 -8.50
C LEU A 81 9.16 -9.00 -7.46
N TYR A 82 10.28 -8.99 -6.72
CA TYR A 82 10.55 -7.94 -5.72
C TYR A 82 11.80 -7.17 -6.20
N ILE A 83 11.69 -5.86 -6.37
CA ILE A 83 12.77 -4.94 -6.76
C ILE A 83 12.73 -3.82 -5.70
N GLY A 84 13.74 -3.86 -4.78
CA GLY A 84 13.56 -2.86 -3.72
C GLY A 84 14.85 -2.47 -3.01
N GLY A 85 14.82 -1.20 -2.53
CA GLY A 85 15.99 -0.76 -1.78
C GLY A 85 17.18 -0.48 -2.68
N ILE A 86 16.96 0.08 -3.88
CA ILE A 86 18.02 0.37 -4.85
C ILE A 86 18.00 1.87 -5.16
N ASN A 87 18.87 2.62 -4.47
CA ASN A 87 18.89 4.07 -4.66
C ASN A 87 19.09 4.52 -6.11
N ASN A 88 19.95 3.83 -6.84
CA ASN A 88 20.26 4.22 -8.22
C ASN A 88 19.37 3.64 -9.29
N LEU A 89 18.23 3.05 -9.01
CA LEU A 89 17.28 2.54 -9.99
C LEU A 89 16.32 3.71 -10.32
N VAL A 90 16.35 4.10 -11.56
CA VAL A 90 15.60 5.29 -12.03
C VAL A 90 14.67 4.95 -13.16
N GLY A 91 14.00 5.95 -13.72
CA GLY A 91 13.16 5.70 -14.88
C GLY A 91 11.79 5.12 -14.51
N PRO A 92 10.93 4.94 -15.49
CA PRO A 92 9.57 4.51 -15.28
C PRO A 92 9.41 3.01 -15.12
N ILE A 93 8.18 2.63 -14.81
CA ILE A 93 7.87 1.18 -14.75
C ILE A 93 7.53 0.85 -16.19
N PRO A 94 8.35 0.09 -16.89
CA PRO A 94 8.17 -0.08 -18.33
C PRO A 94 7.03 -0.99 -18.66
N PRO A 95 6.39 -0.78 -19.81
CA PRO A 95 5.35 -1.64 -20.35
C PRO A 95 5.86 -3.05 -20.63
N ALA A 96 7.14 -3.31 -20.57
CA ALA A 96 7.81 -4.59 -20.55
C ALA A 96 7.28 -5.48 -19.42
N ILE A 97 6.87 -4.93 -18.28
CA ILE A 97 6.29 -5.69 -17.17
C ILE A 97 4.94 -6.27 -17.57
N ALA A 98 4.27 -5.69 -18.59
CA ALA A 98 3.00 -6.28 -19.05
C ALA A 98 3.15 -7.68 -19.62
N LYS A 99 4.35 -8.05 -20.03
CA LYS A 99 4.69 -9.37 -20.54
C LYS A 99 4.73 -10.41 -19.43
N LEU A 100 4.74 -9.99 -18.15
CA LEU A 100 4.79 -10.97 -17.03
C LEU A 100 3.36 -11.33 -16.66
N THR A 101 2.73 -12.13 -17.50
CA THR A 101 1.31 -12.43 -17.40
C THR A 101 0.92 -13.32 -16.23
N GLN A 102 1.87 -13.85 -15.47
CA GLN A 102 1.55 -14.74 -14.37
C GLN A 102 1.92 -14.14 -13.01
N LEU A 103 2.29 -12.88 -13.00
CA LEU A 103 2.63 -12.22 -11.74
C LEU A 103 1.51 -12.24 -10.69
N HIS A 104 1.84 -12.71 -9.49
CA HIS A 104 0.91 -12.63 -8.38
C HIS A 104 1.28 -11.50 -7.43
N TYR A 105 2.61 -11.36 -7.19
CA TYR A 105 3.09 -10.41 -6.18
C TYR A 105 4.16 -9.53 -6.82
N LEU A 106 3.91 -8.22 -6.89
CA LEU A 106 4.83 -7.33 -7.55
C LEU A 106 5.22 -6.18 -6.65
N TYR A 107 6.54 -6.05 -6.33
CA TYR A 107 6.97 -4.93 -5.50
C TYR A 107 8.02 -4.14 -6.28
N ILE A 108 7.92 -2.82 -6.40
CA ILE A 108 9.00 -1.96 -6.92
C ILE A 108 9.00 -0.83 -5.88
N THR A 109 9.96 -0.94 -4.92
CA THR A 109 9.81 -0.13 -3.70
C THR A 109 11.12 0.40 -3.14
N HIS A 110 11.09 1.59 -2.48
CA HIS A 110 12.36 2.14 -2.00
C HIS A 110 13.42 2.27 -3.11
N THR A 111 13.02 2.80 -4.25
CA THR A 111 13.88 3.07 -5.36
C THR A 111 13.65 4.53 -5.83
N ASN A 112 14.29 4.86 -6.98
CA ASN A 112 14.10 6.16 -7.58
C ASN A 112 13.22 6.09 -8.86
N VAL A 113 12.49 4.99 -8.99
CA VAL A 113 11.60 4.84 -10.15
C VAL A 113 10.63 6.02 -10.16
N SER A 114 10.27 6.50 -11.36
CA SER A 114 9.50 7.73 -11.51
C SER A 114 8.37 7.52 -12.50
N GLY A 115 7.74 8.61 -12.88
CA GLY A 115 6.58 8.46 -13.79
C GLY A 115 5.35 7.93 -13.08
N ALA A 116 4.30 7.62 -13.86
CA ALA A 116 3.02 7.19 -13.31
C ALA A 116 2.91 5.71 -13.06
N ILE A 117 2.02 5.32 -12.11
CA ILE A 117 1.79 3.88 -11.92
C ILE A 117 1.03 3.46 -13.19
N PRO A 118 1.47 2.45 -13.89
CA PRO A 118 0.91 2.17 -15.20
C PRO A 118 -0.49 1.62 -15.25
N ASP A 119 -1.33 2.09 -16.20
CA ASP A 119 -2.66 1.61 -16.40
C ASP A 119 -2.71 0.17 -16.97
N PHE A 120 -1.66 -0.28 -17.60
CA PHE A 120 -1.56 -1.62 -18.17
C PHE A 120 -1.58 -2.75 -17.15
N LEU A 121 -1.33 -2.48 -15.86
CA LEU A 121 -1.39 -3.56 -14.85
C LEU A 121 -2.73 -4.26 -14.77
N SER A 122 -3.85 -3.64 -15.15
CA SER A 122 -5.16 -4.27 -15.10
C SER A 122 -5.28 -5.51 -15.99
N GLN A 123 -4.40 -5.63 -16.97
CA GLN A 123 -4.45 -6.82 -17.82
C GLN A 123 -3.78 -8.04 -17.21
N ILE A 124 -3.07 -7.90 -16.09
CA ILE A 124 -2.40 -9.01 -15.44
C ILE A 124 -3.33 -9.56 -14.38
N LYS A 125 -4.24 -10.44 -14.85
CA LYS A 125 -5.30 -11.00 -14.06
C LYS A 125 -4.92 -11.85 -12.86
N THR A 126 -3.68 -12.35 -12.79
CA THR A 126 -3.25 -13.08 -11.62
C THR A 126 -2.79 -12.22 -10.45
N LEU A 127 -2.66 -10.92 -10.56
CA LEU A 127 -2.18 -10.03 -9.50
C LEU A 127 -2.93 -10.16 -8.19
N VAL A 128 -2.15 -10.41 -7.11
CA VAL A 128 -2.73 -10.53 -5.77
C VAL A 128 -2.31 -9.30 -4.97
N THR A 129 -1.04 -8.83 -5.10
CA THR A 129 -0.67 -7.62 -4.34
C THR A 129 0.21 -6.75 -5.25
N LEU A 130 0.06 -5.45 -5.06
CA LEU A 130 0.88 -4.46 -5.75
C LEU A 130 1.55 -3.59 -4.72
N ASP A 131 2.87 -3.49 -4.70
CA ASP A 131 3.52 -2.54 -3.77
C ASP A 131 4.47 -1.63 -4.58
N PHE A 132 4.10 -0.35 -4.72
CA PHE A 132 4.94 0.63 -5.37
C PHE A 132 5.31 1.74 -4.40
N SER A 133 5.53 1.40 -3.12
CA SER A 133 5.74 2.47 -2.14
C SER A 133 7.17 2.97 -2.04
N TYR A 134 7.32 4.24 -1.66
CA TYR A 134 8.58 4.88 -1.38
C TYR A 134 9.45 4.94 -2.65
N ASN A 135 8.88 5.52 -3.74
CA ASN A 135 9.71 5.73 -4.94
C ASN A 135 9.67 7.23 -5.28
N ALA A 136 9.57 7.52 -6.59
CA ALA A 136 9.40 8.92 -7.00
C ALA A 136 8.24 9.00 -7.98
N LEU A 137 7.25 8.12 -7.78
CA LEU A 137 6.15 8.09 -8.74
C LEU A 137 5.31 9.35 -8.72
N SER A 138 4.84 9.74 -9.92
CA SER A 138 3.97 10.93 -10.03
C SER A 138 2.71 10.58 -10.79
N GLY A 139 1.95 11.54 -11.31
CA GLY A 139 0.75 11.24 -12.07
C GLY A 139 -0.40 10.90 -11.10
N THR A 140 -1.53 10.48 -11.67
CA THR A 140 -2.68 10.15 -10.81
C THR A 140 -2.84 8.66 -10.70
N LEU A 141 -3.69 8.16 -9.79
CA LEU A 141 -3.91 6.73 -9.64
C LEU A 141 -4.63 6.14 -10.84
N PRO A 142 -4.16 5.03 -11.40
CA PRO A 142 -4.75 4.38 -12.55
C PRO A 142 -6.08 3.77 -12.21
N PRO A 143 -7.15 4.28 -12.82
CA PRO A 143 -8.49 3.83 -12.50
C PRO A 143 -8.79 2.42 -12.86
N SER A 144 -8.18 1.93 -13.96
CA SER A 144 -8.57 0.58 -14.37
C SER A 144 -8.13 -0.52 -13.47
N ILE A 145 -7.27 -0.36 -12.45
CA ILE A 145 -6.90 -1.59 -11.71
C ILE A 145 -8.00 -2.14 -10.85
N SER A 146 -9.13 -1.42 -10.66
CA SER A 146 -10.26 -1.93 -9.86
C SER A 146 -10.91 -3.16 -10.45
N SER A 147 -10.65 -3.50 -11.72
CA SER A 147 -11.20 -4.68 -12.34
C SER A 147 -10.39 -5.94 -12.00
N LEU A 148 -9.20 -5.81 -11.37
CA LEU A 148 -8.42 -7.01 -11.09
C LEU A 148 -9.11 -7.92 -10.12
N PRO A 149 -9.37 -9.17 -10.48
CA PRO A 149 -10.21 -10.06 -9.72
C PRO A 149 -9.65 -10.79 -8.52
N ASN A 150 -8.31 -10.88 -8.52
CA ASN A 150 -7.67 -11.56 -7.41
C ASN A 150 -6.93 -10.57 -6.53
N LEU A 151 -7.07 -9.27 -6.77
CA LEU A 151 -6.24 -8.34 -5.96
C LEU A 151 -6.73 -8.16 -4.52
N VAL A 152 -5.77 -8.37 -3.60
CA VAL A 152 -6.10 -8.28 -2.17
C VAL A 152 -5.65 -6.94 -1.60
N GLY A 153 -4.64 -6.29 -2.22
CA GLY A 153 -4.22 -5.02 -1.60
C GLY A 153 -3.27 -4.23 -2.48
N ILE A 154 -3.28 -2.92 -2.24
CA ILE A 154 -2.37 -2.02 -2.91
C ILE A 154 -1.61 -1.23 -1.84
N THR A 155 -0.31 -1.04 -2.07
CA THR A 155 0.57 -0.28 -1.15
C THR A 155 1.29 0.77 -1.98
N PHE A 156 0.77 1.99 -2.06
CA PHE A 156 1.30 3.03 -2.93
C PHE A 156 1.82 4.20 -2.13
N ASP A 157 2.08 4.02 -0.82
CA ASP A 157 2.51 5.10 0.06
C ASP A 157 3.85 5.72 -0.29
N GLY A 158 4.02 7.02 0.00
CA GLY A 158 5.31 7.67 -0.07
C GLY A 158 5.84 8.01 -1.45
N ASN A 159 4.97 8.53 -2.28
CA ASN A 159 5.38 8.98 -3.63
C ASN A 159 5.03 10.44 -3.83
N ARG A 160 4.64 10.82 -5.07
CA ARG A 160 4.24 12.19 -5.36
C ARG A 160 2.93 12.14 -6.16
N ILE A 161 2.10 11.13 -5.92
CA ILE A 161 0.85 10.96 -6.67
C ILE A 161 -0.17 12.04 -6.41
N SER A 162 -0.80 12.60 -7.46
CA SER A 162 -1.69 13.74 -7.27
C SER A 162 -3.00 13.44 -7.93
N GLY A 163 -3.93 14.36 -7.71
CA GLY A 163 -5.23 14.13 -8.27
C GLY A 163 -6.15 13.52 -7.24
N ALA A 164 -7.41 13.33 -7.62
CA ALA A 164 -8.40 12.71 -6.79
C ALA A 164 -8.28 11.18 -6.88
N ILE A 165 -8.80 10.53 -5.87
CA ILE A 165 -8.89 9.06 -5.84
C ILE A 165 -10.05 8.73 -6.81
N PRO A 166 -9.77 7.89 -7.79
CA PRO A 166 -10.79 7.53 -8.77
C PRO A 166 -12.02 6.93 -8.15
N ASP A 167 -13.23 7.22 -8.68
CA ASP A 167 -14.43 6.58 -8.14
C ASP A 167 -14.40 5.08 -8.30
N SER A 168 -13.69 4.60 -9.36
CA SER A 168 -13.60 3.16 -9.61
C SER A 168 -12.86 2.41 -8.49
N TYR A 169 -12.17 3.09 -7.60
CA TYR A 169 -11.50 2.36 -6.50
C TYR A 169 -12.50 1.90 -5.45
N GLY A 170 -13.80 2.16 -5.64
CA GLY A 170 -14.81 1.60 -4.76
C GLY A 170 -15.32 0.30 -5.35
N SER A 171 -14.88 -0.06 -6.54
CA SER A 171 -15.32 -1.23 -7.27
C SER A 171 -14.48 -2.49 -7.18
N PHE A 172 -13.41 -2.51 -6.35
CA PHE A 172 -12.63 -3.72 -6.22
C PHE A 172 -13.53 -4.85 -5.74
N SER A 173 -13.20 -6.09 -6.03
CA SER A 173 -13.92 -7.26 -5.55
C SER A 173 -13.88 -7.41 -4.03
N LYS A 174 -14.61 -8.40 -3.53
CA LYS A 174 -14.73 -8.77 -2.13
C LYS A 174 -13.43 -9.31 -1.58
N LEU A 175 -12.47 -9.71 -2.46
CA LEU A 175 -11.19 -10.18 -1.96
C LEU A 175 -10.26 -9.01 -1.60
N PHE A 176 -10.58 -7.81 -2.08
CA PHE A 176 -9.74 -6.63 -1.82
C PHE A 176 -9.92 -6.11 -0.41
N THR A 177 -8.84 -6.16 0.39
CA THR A 177 -9.06 -5.74 1.78
C THR A 177 -8.07 -4.77 2.35
N SER A 178 -7.10 -4.27 1.56
CA SER A 178 -6.11 -3.34 2.11
C SER A 178 -5.67 -2.29 1.09
N MET A 179 -5.81 -1.02 1.51
CA MET A 179 -5.54 0.12 0.60
C MET A 179 -4.72 1.16 1.36
N THR A 180 -3.41 1.26 1.02
CA THR A 180 -2.59 2.30 1.66
C THR A 180 -1.96 3.17 0.54
N ILE A 181 -2.23 4.47 0.63
CA ILE A 181 -1.77 5.48 -0.34
C ILE A 181 -1.40 6.73 0.45
N SER A 182 -0.85 6.54 1.66
CA SER A 182 -0.40 7.65 2.49
C SER A 182 0.80 8.37 1.90
N ARG A 183 1.08 9.58 2.36
CA ARG A 183 2.27 10.35 2.06
C ARG A 183 2.40 10.58 0.56
N ASN A 184 1.34 11.17 0.02
CA ASN A 184 1.30 11.51 -1.39
C ASN A 184 0.72 12.94 -1.48
N ARG A 185 0.07 13.26 -2.59
CA ARG A 185 -0.47 14.61 -2.78
C ARG A 185 -1.91 14.56 -3.29
N LEU A 186 -2.64 13.55 -2.84
CA LEU A 186 -4.04 13.38 -3.30
C LEU A 186 -4.88 14.55 -2.83
N THR A 187 -5.85 14.91 -3.65
CA THR A 187 -6.76 15.99 -3.33
C THR A 187 -8.18 15.51 -3.60
N GLY A 188 -9.12 16.37 -3.15
CA GLY A 188 -10.51 15.99 -3.39
C GLY A 188 -11.04 15.15 -2.24
N LYS A 189 -12.16 14.49 -2.48
CA LYS A 189 -12.87 13.69 -1.50
C LYS A 189 -12.70 12.19 -1.60
N ILE A 190 -13.02 11.49 -0.50
CA ILE A 190 -13.02 10.02 -0.62
C ILE A 190 -14.29 9.66 -1.40
N PRO A 191 -14.21 8.91 -2.49
CA PRO A 191 -15.39 8.64 -3.28
C PRO A 191 -16.46 7.92 -2.48
N PRO A 192 -17.73 8.32 -2.66
CA PRO A 192 -18.87 7.67 -2.06
C PRO A 192 -18.98 6.21 -2.40
N THR A 193 -18.46 5.76 -3.57
CA THR A 193 -18.46 4.36 -3.95
C THR A 193 -17.64 3.50 -3.01
N PHE A 194 -16.81 4.04 -2.12
CA PHE A 194 -16.04 3.30 -1.13
C PHE A 194 -16.94 2.60 -0.10
N ALA A 195 -18.24 2.94 -0.09
CA ALA A 195 -19.18 2.22 0.78
C ALA A 195 -19.26 0.77 0.37
N ASN A 196 -18.92 0.42 -0.87
CA ASN A 196 -18.86 -0.89 -1.44
C ASN A 196 -17.65 -1.71 -0.94
N LEU A 197 -16.62 -1.11 -0.38
CA LEU A 197 -15.46 -1.88 0.09
C LEU A 197 -15.63 -2.38 1.53
N ASN A 198 -14.86 -3.37 1.92
CA ASN A 198 -14.86 -3.87 3.27
C ASN A 198 -13.37 -4.00 3.65
N LEU A 199 -12.74 -2.86 3.95
CA LEU A 199 -11.30 -2.87 4.14
C LEU A 199 -10.83 -3.24 5.53
N ALA A 200 -9.90 -4.16 5.60
CA ALA A 200 -9.23 -4.54 6.82
C ALA A 200 -8.36 -3.37 7.26
N PHE A 201 -7.70 -2.73 6.26
CA PHE A 201 -6.77 -1.66 6.48
C PHE A 201 -7.00 -0.54 5.48
N VAL A 202 -7.01 0.71 5.98
CA VAL A 202 -7.05 1.83 5.00
C VAL A 202 -6.11 2.90 5.55
N ASP A 203 -5.17 3.34 4.75
CA ASP A 203 -4.29 4.39 5.24
C ASP A 203 -4.23 5.45 4.14
N LEU A 204 -4.89 6.57 4.34
CA LEU A 204 -4.80 7.67 3.37
C LEU A 204 -4.20 8.90 4.07
N SER A 205 -3.37 8.70 5.10
CA SER A 205 -2.80 9.80 5.88
C SER A 205 -1.77 10.62 5.09
N ARG A 206 -1.55 11.88 5.46
CA ARG A 206 -0.58 12.75 4.81
C ARG A 206 -0.81 12.95 3.33
N ASN A 207 -2.03 13.44 3.06
CA ASN A 207 -2.41 13.84 1.71
C ASN A 207 -3.12 15.21 1.92
N MET A 208 -3.89 15.63 0.97
CA MET A 208 -4.68 16.88 1.08
C MET A 208 -6.14 16.55 0.85
N LEU A 209 -6.68 15.45 1.40
CA LEU A 209 -8.04 15.03 1.18
C LEU A 209 -9.02 15.93 1.95
N GLU A 210 -10.20 16.10 1.41
CA GLU A 210 -11.15 17.00 2.11
C GLU A 210 -12.48 16.30 2.32
N GLY A 211 -13.34 16.91 3.18
CA GLY A 211 -14.68 16.30 3.24
C GLY A 211 -14.94 15.13 4.12
N ASP A 212 -15.96 14.35 3.76
CA ASP A 212 -16.46 13.27 4.59
C ASP A 212 -15.72 11.96 4.40
N ALA A 213 -15.30 11.35 5.49
CA ALA A 213 -14.69 10.02 5.40
C ALA A 213 -15.61 8.98 6.04
N SER A 214 -16.91 9.31 6.31
CA SER A 214 -17.83 8.37 6.96
C SER A 214 -17.99 7.04 6.25
N VAL A 215 -17.81 7.07 4.93
CA VAL A 215 -17.93 5.88 4.09
C VAL A 215 -16.97 4.77 4.44
N LEU A 216 -15.85 5.09 5.10
CA LEU A 216 -14.88 4.11 5.52
C LEU A 216 -15.23 3.52 6.89
N PHE A 217 -16.30 3.99 7.50
CA PHE A 217 -16.69 3.45 8.80
C PHE A 217 -17.93 2.58 8.69
N GLY A 218 -18.23 1.80 9.72
CA GLY A 218 -19.47 1.01 9.69
C GLY A 218 -19.35 -0.18 10.61
N SER A 219 -20.44 -0.45 11.36
CA SER A 219 -20.38 -1.58 12.27
C SER A 219 -20.51 -2.90 11.54
N ASP A 220 -20.83 -2.88 10.25
CA ASP A 220 -20.90 -4.09 9.43
C ASP A 220 -19.55 -4.41 8.77
N LYS A 221 -18.58 -3.53 8.92
CA LYS A 221 -17.29 -3.73 8.27
C LYS A 221 -16.37 -4.57 9.15
N ASN A 222 -15.39 -5.15 8.51
CA ASN A 222 -14.33 -5.90 9.20
C ASN A 222 -13.05 -5.11 9.01
N THR A 223 -12.78 -4.14 9.87
CA THR A 223 -11.65 -3.23 9.73
C THR A 223 -10.77 -3.26 10.96
N GLN A 224 -9.49 -3.45 10.77
CA GLN A 224 -8.53 -3.48 11.86
C GLN A 224 -7.90 -2.08 12.07
N LYS A 225 -7.55 -1.39 10.99
CA LYS A 225 -6.95 -0.06 11.13
C LYS A 225 -7.55 1.00 10.19
N ILE A 226 -7.80 2.21 10.74
CA ILE A 226 -8.25 3.34 9.93
C ILE A 226 -7.26 4.49 10.19
N HIS A 227 -6.44 4.83 9.16
CA HIS A 227 -5.44 5.87 9.38
C HIS A 227 -5.70 7.01 8.41
N LEU A 228 -6.13 8.16 8.85
CA LEU A 228 -6.50 9.30 8.02
C LEU A 228 -5.88 10.59 8.53
N ALA A 229 -4.80 10.51 9.29
CA ALA A 229 -4.17 11.68 9.85
C ALA A 229 -3.67 12.66 8.79
N LYS A 230 -3.56 13.93 9.18
CA LYS A 230 -2.95 14.93 8.34
C LYS A 230 -3.57 15.03 6.95
N ASN A 231 -4.86 15.38 6.95
CA ASN A 231 -5.60 15.75 5.76
C ASN A 231 -6.37 17.02 6.08
N SER A 232 -7.48 17.24 5.39
CA SER A 232 -8.37 18.37 5.69
C SER A 232 -9.78 17.79 5.73
N LEU A 233 -9.98 16.64 6.37
CA LEU A 233 -11.29 16.03 6.45
C LEU A 233 -12.23 16.75 7.43
N ALA A 234 -13.56 16.69 7.10
CA ALA A 234 -14.48 17.32 8.06
C ALA A 234 -15.84 16.65 7.95
N PHE A 235 -16.32 16.07 9.01
CA PHE A 235 -17.60 15.31 9.08
C PHE A 235 -17.96 15.10 10.53
N ASP A 236 -19.22 14.74 10.78
CA ASP A 236 -19.67 14.55 12.15
C ASP A 236 -19.27 13.16 12.64
N LEU A 237 -18.18 13.05 13.41
CA LEU A 237 -17.70 11.76 13.85
C LEU A 237 -18.66 11.01 14.78
N GLY A 238 -19.53 11.77 15.46
CA GLY A 238 -20.43 11.09 16.40
C GLY A 238 -21.45 10.18 15.72
N LYS A 239 -21.67 10.30 14.43
CA LYS A 239 -22.62 9.55 13.66
C LYS A 239 -22.06 8.26 13.08
N VAL A 240 -20.75 8.00 13.22
CA VAL A 240 -20.29 6.76 12.57
C VAL A 240 -20.41 5.45 13.35
N GLY A 241 -20.68 4.35 12.65
CA GLY A 241 -20.66 3.00 13.22
C GLY A 241 -19.19 2.52 13.25
N LEU A 242 -18.86 1.58 14.15
CA LEU A 242 -17.46 1.14 14.28
C LEU A 242 -17.28 -0.37 14.16
N SER A 243 -16.27 -0.77 13.38
CA SER A 243 -16.06 -2.25 13.28
C SER A 243 -15.63 -2.83 14.61
N LYS A 244 -16.21 -3.98 14.99
CA LYS A 244 -15.77 -4.60 16.26
C LYS A 244 -14.30 -5.00 16.14
N ASN A 245 -13.72 -5.13 14.97
CA ASN A 245 -12.32 -5.55 14.84
C ASN A 245 -11.30 -4.45 14.98
N LEU A 246 -11.72 -3.19 15.14
CA LEU A 246 -10.81 -2.07 15.10
C LEU A 246 -9.78 -2.11 16.20
N ASN A 247 -8.50 -2.04 15.82
CA ASN A 247 -7.46 -1.99 16.82
C ASN A 247 -6.71 -0.65 16.78
N GLY A 248 -6.88 0.07 15.66
CA GLY A 248 -6.18 1.36 15.50
C GLY A 248 -7.02 2.38 14.74
N LEU A 249 -7.19 3.56 15.35
CA LEU A 249 -7.96 4.65 14.76
C LEU A 249 -7.17 5.93 14.92
N ASP A 250 -6.64 6.43 13.78
CA ASP A 250 -5.81 7.62 13.79
C ASP A 250 -6.41 8.68 12.86
N LEU A 251 -7.02 9.72 13.49
CA LEU A 251 -7.64 10.80 12.75
C LEU A 251 -7.05 12.18 13.05
N ARG A 252 -5.90 12.18 13.68
CA ARG A 252 -5.30 13.44 14.15
C ARG A 252 -5.08 14.41 12.99
N ASN A 253 -5.09 15.70 13.33
CA ASN A 253 -4.81 16.78 12.39
C ASN A 253 -5.76 16.79 11.20
N ASN A 254 -7.03 17.03 11.48
CA ASN A 254 -8.05 17.19 10.44
C ASN A 254 -9.03 18.27 10.94
N ARG A 255 -10.23 18.39 10.41
CA ARG A 255 -11.17 19.40 10.89
C ARG A 255 -12.47 18.67 11.26
N ILE A 256 -12.31 17.46 11.86
CA ILE A 256 -13.46 16.62 12.17
C ILE A 256 -14.25 17.15 13.37
N TYR A 257 -15.58 17.08 13.31
CA TYR A 257 -16.33 17.67 14.44
C TYR A 257 -17.36 16.69 15.00
N GLY A 258 -18.17 17.22 15.95
CA GLY A 258 -19.16 16.38 16.61
C GLY A 258 -18.56 15.73 17.86
N THR A 259 -19.27 14.74 18.42
CA THR A 259 -18.70 14.06 19.57
C THR A 259 -17.97 12.80 19.16
N LEU A 260 -17.23 12.23 20.10
CA LEU A 260 -16.67 10.90 19.84
C LEU A 260 -17.87 9.96 20.00
N PRO A 261 -18.03 8.96 19.16
CA PRO A 261 -19.15 8.04 19.22
C PRO A 261 -19.03 7.12 20.41
N GLN A 262 -20.19 6.92 21.06
CA GLN A 262 -20.27 6.09 22.24
C GLN A 262 -19.82 4.66 21.97
N GLY A 263 -20.02 4.15 20.80
CA GLY A 263 -19.61 2.85 20.29
C GLY A 263 -18.12 2.55 20.52
N LEU A 264 -17.28 3.56 20.69
CA LEU A 264 -15.85 3.30 20.97
C LEU A 264 -15.67 2.51 22.26
N THR A 265 -16.58 2.62 23.26
CA THR A 265 -16.36 1.88 24.50
C THR A 265 -16.55 0.37 24.37
N GLN A 266 -17.20 -0.04 23.29
CA GLN A 266 -17.41 -1.47 23.01
C GLN A 266 -16.30 -2.15 22.24
N LEU A 267 -15.30 -1.45 21.76
CA LEU A 267 -14.21 -2.03 20.97
C LEU A 267 -13.22 -2.77 21.90
N LYS A 268 -13.25 -4.11 21.83
CA LYS A 268 -12.36 -4.85 22.75
C LYS A 268 -10.89 -4.79 22.41
N PHE A 269 -10.59 -4.55 21.13
CA PHE A 269 -9.20 -4.60 20.66
C PHE A 269 -8.58 -3.26 20.32
N LEU A 270 -9.24 -2.15 20.76
CA LEU A 270 -8.66 -0.83 20.40
C LEU A 270 -7.39 -0.55 21.17
N HIS A 271 -6.23 -0.47 20.52
CA HIS A 271 -4.96 -0.33 21.20
C HIS A 271 -4.24 0.95 20.81
N SER A 272 -4.70 1.61 19.73
CA SER A 272 -4.08 2.87 19.39
C SER A 272 -5.17 3.83 18.96
N LEU A 273 -5.18 5.05 19.55
CA LEU A 273 -6.25 5.98 19.20
C LEU A 273 -5.66 7.39 19.19
N ASN A 274 -5.92 8.15 18.12
CA ASN A 274 -5.46 9.54 18.17
C ASN A 274 -6.45 10.41 17.42
N VAL A 275 -7.09 11.34 18.12
CA VAL A 275 -8.10 12.23 17.55
C VAL A 275 -7.71 13.70 17.81
N SER A 276 -6.48 13.93 18.24
CA SER A 276 -5.97 15.28 18.51
C SER A 276 -5.97 16.16 17.29
N PHE A 277 -5.98 17.49 17.55
CA PHE A 277 -5.94 18.47 16.47
C PHE A 277 -7.13 18.28 15.51
N ASN A 278 -8.30 18.36 16.10
CA ASN A 278 -9.58 18.35 15.33
C ASN A 278 -10.52 19.39 16.00
N ASN A 279 -11.79 19.38 15.66
CA ASN A 279 -12.81 20.26 16.28
C ASN A 279 -13.83 19.48 17.09
N LEU A 280 -13.46 18.35 17.73
CA LEU A 280 -14.41 17.55 18.47
C LEU A 280 -14.87 18.28 19.76
N CYS A 281 -16.04 17.89 20.19
CA CYS A 281 -16.64 18.49 21.40
C CYS A 281 -17.47 17.52 22.20
N GLY A 282 -17.70 17.77 23.51
CA GLY A 282 -18.57 16.80 24.23
C GLY A 282 -17.79 15.84 25.09
N GLU A 283 -18.53 15.01 25.89
CA GLU A 283 -17.81 14.14 26.79
C GLU A 283 -17.11 13.01 26.04
N ILE A 284 -15.90 12.71 26.45
CA ILE A 284 -15.26 11.50 25.93
C ILE A 284 -15.98 10.30 26.52
N PRO A 285 -16.41 9.33 25.70
CA PRO A 285 -17.07 8.12 26.15
C PRO A 285 -16.23 7.43 27.23
N GLN A 286 -16.86 7.12 28.37
CA GLN A 286 -16.19 6.48 29.51
C GLN A 286 -16.40 4.97 29.52
N GLY A 287 -15.33 4.23 29.22
CA GLY A 287 -15.48 2.75 29.15
C GLY A 287 -14.51 2.17 28.13
N GLY A 288 -14.56 0.85 27.96
CA GLY A 288 -13.64 0.19 27.02
C GLY A 288 -12.20 0.51 27.34
N ASN A 289 -11.39 0.80 26.30
CA ASN A 289 -10.01 1.18 26.52
C ASN A 289 -9.77 2.68 26.51
N LEU A 290 -10.82 3.49 26.35
CA LEU A 290 -10.69 4.93 26.18
C LEU A 290 -9.89 5.70 27.21
N GLN A 291 -9.99 5.32 28.50
CA GLN A 291 -9.25 6.01 29.54
C GLN A 291 -7.84 5.45 29.73
N ARG A 292 -7.47 4.44 28.95
CA ARG A 292 -6.08 3.99 28.91
C ARG A 292 -5.21 4.85 28.02
N PHE A 293 -5.73 5.63 27.09
CA PHE A 293 -4.95 6.49 26.22
C PHE A 293 -4.57 7.81 26.91
N ASP A 294 -3.34 8.23 26.61
CA ASP A 294 -2.80 9.44 27.18
C ASP A 294 -3.72 10.60 26.83
N VAL A 295 -3.61 11.68 27.60
CA VAL A 295 -4.32 12.90 27.29
C VAL A 295 -4.01 13.46 25.91
N SER A 296 -2.76 13.30 25.47
CA SER A 296 -2.27 13.77 24.19
C SER A 296 -3.03 13.14 23.01
N ALA A 297 -3.71 12.02 23.17
CA ALA A 297 -4.53 11.43 22.13
C ALA A 297 -5.85 12.19 21.89
N TYR A 298 -6.25 13.06 22.83
CA TYR A 298 -7.54 13.75 22.73
C TYR A 298 -7.41 15.29 22.75
N ALA A 299 -6.22 15.68 23.15
CA ALA A 299 -5.98 17.14 23.31
C ALA A 299 -6.04 17.91 22.01
N ASN A 300 -6.13 19.25 22.15
CA ASN A 300 -6.17 20.20 21.08
C ASN A 300 -7.42 20.00 20.24
N ASN A 301 -8.52 19.71 20.89
CA ASN A 301 -9.82 19.67 20.18
C ASN A 301 -10.59 20.94 20.55
N LYS A 302 -11.85 21.07 20.12
CA LYS A 302 -12.64 22.25 20.43
C LYS A 302 -13.14 22.26 21.87
N CYS A 303 -13.93 21.26 22.26
CA CYS A 303 -14.46 21.30 23.64
C CYS A 303 -14.69 19.91 24.22
N LEU A 304 -13.72 19.00 24.01
CA LEU A 304 -13.83 17.69 24.62
C LEU A 304 -13.62 17.84 26.15
N CYS A 305 -14.21 16.89 26.86
CA CYS A 305 -14.03 16.89 28.32
C CYS A 305 -14.29 15.50 28.86
N GLY A 306 -13.90 15.29 30.14
CA GLY A 306 -14.14 13.94 30.69
C GLY A 306 -12.84 13.14 30.66
N SER A 307 -12.69 12.21 31.60
CA SER A 307 -11.43 11.50 31.66
C SER A 307 -10.79 10.82 30.46
N PRO A 308 -9.65 11.29 30.01
CA PRO A 308 -8.48 11.69 30.75
C PRO A 308 -8.40 13.20 30.84
N LEU A 309 -9.34 13.96 30.24
CA LEU A 309 -9.30 15.41 30.24
C LEU A 309 -10.02 15.94 31.48
N PRO A 310 -9.93 17.23 31.74
CA PRO A 310 -10.67 17.79 32.87
C PRO A 310 -12.17 17.46 32.74
N ALA A 311 -12.86 17.44 33.90
CA ALA A 311 -14.29 17.11 33.90
C ALA A 311 -15.17 18.06 33.10
N CYS A 312 -16.25 17.52 32.55
CA CYS A 312 -17.22 18.31 31.83
C CYS A 312 -18.00 19.12 32.89
N THR A 313 -18.52 20.28 32.52
CA THR A 313 -19.32 21.05 33.46
C THR A 313 -20.80 20.70 33.35
C1 NAG B . 19.84 -29.16 -10.91
C2 NAG B . 20.70 -30.39 -10.68
C3 NAG B . 19.83 -31.55 -11.10
C4 NAG B . 18.69 -31.63 -10.07
C5 NAG B . 17.97 -30.27 -9.92
C6 NAG B . 17.16 -30.22 -8.62
C7 NAG B . 23.16 -30.10 -10.63
C8 NAG B . 24.36 -29.82 -11.46
N2 NAG B . 22.00 -30.29 -11.34
O3 NAG B . 20.61 -32.74 -11.09
O4 NAG B . 17.70 -32.58 -10.49
O5 NAG B . 18.88 -29.21 -9.82
O6 NAG B . 16.79 -28.92 -8.31
O7 NAG B . 23.20 -30.16 -9.50
C1 NAG C . 16.26 9.20 -4.23
C2 NAG C . 16.34 8.13 -3.15
C3 NAG C . 16.78 9.06 -2.04
C4 NAG C . 18.08 9.78 -2.50
C5 NAG C . 18.14 10.27 -3.96
C6 NAG C . 19.48 10.72 -4.44
C7 NAG C . 14.91 6.13 -2.66
C8 NAG C . 13.57 5.69 -2.15
N2 NAG C . 15.04 7.44 -2.98
O3 NAG C . 16.99 8.37 -0.82
O4 NAG C . 18.01 10.97 -1.68
O5 NAG C . 17.64 9.20 -4.79
O6 NAG C . 20.54 9.84 -4.51
O7 NAG C . 15.79 5.38 -2.80
C1 NAG D . 20.63 11.61 -1.33
C2 NAG D . 19.91 12.88 -0.83
C3 NAG D . 20.78 13.43 0.26
C4 NAG D . 21.07 12.30 1.28
C5 NAG D . 21.09 10.84 0.79
C6 NAG D . 20.70 9.84 1.88
C7 NAG D . 18.39 14.49 -1.91
C8 NAG D . 17.99 15.17 -3.18
N2 NAG D . 19.59 13.85 -1.90
O3 NAG D . 20.11 14.51 0.89
O4 NAG D . 22.42 12.54 1.75
O5 NAG D . 20.22 10.63 -0.30
O6 NAG D . 21.03 8.53 1.56
O7 NAG D . 17.70 14.52 -1.00
C1 NAG E . -1.44 12.82 19.54
C2 NAG E . -0.26 11.91 19.96
C3 NAG E . 0.60 13.11 20.35
C4 NAG E . 0.84 13.89 19.05
C5 NAG E . -0.46 14.28 18.27
C6 NAG E . -0.12 15.00 17.00
C7 NAG E . -0.72 9.59 20.87
C8 NAG E . -1.00 8.88 22.15
N2 NAG E . -0.60 10.93 20.99
O3 NAG E . 1.73 12.59 21.00
O4 NAG E . 1.44 15.17 19.30
O5 NAG E . -1.20 13.05 18.10
O6 NAG E . 0.75 14.26 16.17
O7 NAG E . -0.63 9.01 19.85
C ACT F . 21.02 0.40 -2.68
O ACT F . 20.62 1.65 -2.53
OXT ACT F . 21.27 -0.14 -3.80
CH3 ACT F . 21.78 -0.10 -1.44
#